data_6PCW
#
_entry.id   6PCW
#
_cell.length_a   96.921
_cell.length_b   96.921
_cell.length_c   80.092
_cell.angle_alpha   90.000
_cell.angle_beta   90.000
_cell.angle_gamma   120.000
#
_symmetry.space_group_name_H-M   'P 65'
#
loop_
_entity.id
_entity.type
_entity.pdbx_description
1 polymer 'Serine/threonine-protein kinase pim-1'
2 polymer Peptide
3 non-polymer 4-[5-(cyclopropylcarbamoyl)thiophen-2-yl]-1-benzothiophene-2-carboxamide
4 non-polymer GLYCEROL
5 water water
#
loop_
_entity_poly.entity_id
_entity_poly.type
_entity_poly.pdbx_seq_one_letter_code
_entity_poly.pdbx_strand_id
1 'polypeptide(L)'
;SMLLSKINSLAHLRAAPCNDLHATKLAPGKEKEPLESQYQVGPLLGSGGFGSVYSGIRVSDNLPVAIKHVEKDRISDWGE
LPNGTRVPMEVVLLKKVSSGFSGVIRLLDWFERPDSFVLILERPEPVQDLFDFITERGALQEELARSFFWQVLEAVRHCH
NCGVLHRDIKDENILIDLNRGELKLIDFGSGALLKDTVYTDFDGTRVYSPPEWIRYHRYHGRSAAVWSLGILLYDMVCGD
IPFEHDEEIIGGQVFFRQRVSSECQHLIRWCLALRPSDRPTFEEIQNHPWMQDVLLPQETAEIHLHSLSPGPS
;
A
2 'polypeptide(L)' ARKRRRHPSGPPTA B
#
# COMPACT_ATOMS: atom_id res chain seq x y z
N GLU A 33 -13.64 28.64 7.25
CA GLU A 33 -12.72 27.62 6.65
C GLU A 33 -13.56 26.49 6.05
N PRO A 34 -14.42 26.76 5.03
CA PRO A 34 -15.20 25.70 4.39
C PRO A 34 -14.31 24.88 3.44
N LEU A 35 -14.72 23.65 3.10
CA LEU A 35 -13.99 22.77 2.13
C LEU A 35 -14.09 23.38 0.73
N GLU A 36 -15.25 23.96 0.39
CA GLU A 36 -15.57 24.48 -0.97
C GLU A 36 -14.76 25.73 -1.32
N SER A 37 -14.25 26.53 -0.35
CA SER A 37 -13.59 27.85 -0.61
C SER A 37 -12.06 27.78 -0.52
N GLN A 38 -11.49 26.74 0.09
CA GLN A 38 -10.03 26.61 0.34
C GLN A 38 -9.42 25.69 -0.73
N TYR A 39 -10.24 24.81 -1.33
CA TYR A 39 -9.86 23.81 -2.37
C TYR A 39 -10.82 23.94 -3.57
N GLN A 40 -10.28 23.89 -4.80
CA GLN A 40 -11.11 23.84 -6.04
C GLN A 40 -11.31 22.36 -6.42
N VAL A 41 -12.55 21.87 -6.27
CA VAL A 41 -12.94 20.45 -6.46
C VAL A 41 -12.95 20.14 -7.95
N GLY A 42 -12.27 19.08 -8.37
CA GLY A 42 -12.25 18.63 -9.77
C GLY A 42 -13.21 17.46 -9.99
N PRO A 43 -12.85 16.56 -10.92
CA PRO A 43 -13.63 15.35 -11.19
C PRO A 43 -13.07 14.09 -10.50
N LEU A 44 -13.90 13.07 -10.35
CA LEU A 44 -13.56 11.75 -9.79
C LEU A 44 -12.24 11.23 -10.35
N LEU A 45 -11.51 10.48 -9.53
CA LEU A 45 -10.37 9.61 -9.89
C LEU A 45 -10.83 8.14 -9.73
N GLY A 46 -11.26 7.75 -8.53
CA GLY A 46 -11.78 6.39 -8.23
C GLY A 46 -12.78 6.36 -7.08
N SER A 47 -13.32 5.17 -6.80
CA SER A 47 -14.18 4.87 -5.62
C SER A 47 -14.19 3.37 -5.33
N GLY A 48 -14.56 3.00 -4.09
CA GLY A 48 -14.70 1.59 -3.66
C GLY A 48 -15.03 1.48 -2.18
N GLY A 49 -14.41 0.50 -1.50
CA GLY A 49 -14.47 0.31 -0.03
C GLY A 49 -13.63 1.33 0.74
N PHE A 50 -12.81 2.14 0.05
CA PHE A 50 -12.03 3.26 0.65
C PHE A 50 -12.92 4.50 0.80
N GLY A 51 -13.69 4.82 -0.25
CA GLY A 51 -14.54 6.01 -0.36
C GLY A 51 -14.64 6.49 -1.80
N SER A 52 -14.66 7.80 -1.99
CA SER A 52 -14.77 8.47 -3.31
C SER A 52 -13.71 9.56 -3.34
N VAL A 53 -12.88 9.60 -4.37
CA VAL A 53 -11.68 10.48 -4.38
C VAL A 53 -11.74 11.34 -5.62
N TYR A 54 -11.59 12.66 -5.44
CA TYR A 54 -11.67 13.69 -6.52
C TYR A 54 -10.31 14.37 -6.68
N SER A 55 -10.04 14.86 -7.89
CA SER A 55 -8.91 15.77 -8.15
C SER A 55 -9.29 17.10 -7.51
N GLY A 56 -8.29 17.83 -7.04
CA GLY A 56 -8.50 19.15 -6.43
C GLY A 56 -7.21 19.94 -6.50
N ILE A 57 -7.36 21.26 -6.38
CA ILE A 57 -6.24 22.24 -6.35
C ILE A 57 -6.42 23.03 -5.07
N ARG A 58 -5.34 23.30 -4.35
CA ARG A 58 -5.40 24.26 -3.21
C ARG A 58 -5.35 25.67 -3.80
N VAL A 59 -6.40 26.46 -3.64
CA VAL A 59 -6.49 27.82 -4.26
C VAL A 59 -5.35 28.66 -3.68
N SER A 60 -5.18 28.62 -2.34
CA SER A 60 -4.06 29.22 -1.59
C SER A 60 -2.77 29.25 -2.43
N ASP A 61 -2.46 28.21 -3.20
CA ASP A 61 -1.15 28.08 -3.90
C ASP A 61 -1.18 27.13 -5.12
N ASN A 62 -2.35 26.71 -5.62
CA ASN A 62 -2.47 25.79 -6.80
C ASN A 62 -1.74 24.45 -6.61
N LEU A 63 -1.59 23.95 -5.39
CA LEU A 63 -1.03 22.60 -5.12
C LEU A 63 -2.05 21.56 -5.60
N PRO A 64 -1.63 20.53 -6.36
CA PRO A 64 -2.52 19.41 -6.67
C PRO A 64 -2.84 18.66 -5.37
N VAL A 65 -4.13 18.42 -5.12
CA VAL A 65 -4.57 17.61 -3.95
C VAL A 65 -5.50 16.48 -4.43
N ALA A 66 -5.70 15.49 -3.57
CA ALA A 66 -6.76 14.50 -3.68
C ALA A 66 -7.70 14.77 -2.51
N ILE A 67 -8.98 14.82 -2.81
CA ILE A 67 -10.09 15.03 -1.84
C ILE A 67 -10.87 13.72 -1.74
N LYS A 68 -10.80 13.08 -0.57
CA LYS A 68 -11.41 11.78 -0.31
C LYS A 68 -12.54 11.94 0.71
N HIS A 69 -13.73 11.48 0.35
CA HIS A 69 -14.96 11.55 1.17
C HIS A 69 -15.23 10.15 1.67
N VAL A 70 -15.61 10.04 2.94
CA VAL A 70 -16.03 8.78 3.61
C VAL A 70 -17.29 9.09 4.41
N GLU A 71 -18.35 8.33 4.15
CA GLU A 71 -19.66 8.42 4.85
C GLU A 71 -19.45 7.85 6.24
N LYS A 72 -19.91 8.55 7.28
CA LYS A 72 -19.85 8.06 8.68
C LYS A 72 -20.53 6.70 8.78
N ASP A 73 -21.65 6.49 8.08
CA ASP A 73 -22.46 5.24 8.15
C ASP A 73 -21.62 4.05 7.70
N ARG A 74 -20.71 4.23 6.74
CA ARG A 74 -19.90 3.15 6.11
C ARG A 74 -18.59 2.90 6.87
N ILE A 75 -18.25 3.68 7.90
CA ILE A 75 -16.95 3.54 8.64
C ILE A 75 -17.06 2.41 9.67
N SER A 76 -16.16 1.41 9.64
CA SER A 76 -16.14 0.29 10.61
C SER A 76 -15.36 0.71 11.88
N ASP A 77 -14.09 1.11 11.78
CA ASP A 77 -13.19 1.36 12.94
C ASP A 77 -13.10 2.86 13.24
N TRP A 78 -13.22 3.25 14.51
CA TRP A 78 -13.12 4.66 14.98
C TRP A 78 -11.95 4.82 15.95
N GLY A 79 -11.35 6.01 16.02
CA GLY A 79 -10.26 6.33 16.95
C GLY A 79 -10.38 7.75 17.49
N GLU A 80 -9.47 8.12 18.38
CA GLU A 80 -9.43 9.45 19.03
C GLU A 80 -8.10 10.11 18.66
N LEU A 81 -8.12 11.40 18.40
CA LEU A 81 -6.87 12.18 18.21
C LEU A 81 -6.30 12.47 19.60
N PRO A 82 -5.04 12.96 19.74
CA PRO A 82 -4.57 13.49 21.02
C PRO A 82 -5.57 14.58 21.49
N ASN A 83 -6.69 14.13 22.07
CA ASN A 83 -7.86 14.88 22.60
C ASN A 83 -9.11 14.03 22.32
N THR A 85 -11.65 13.80 20.43
CA THR A 85 -12.30 13.99 19.09
C THR A 85 -12.39 12.63 18.39
N ARG A 86 -13.60 12.08 18.26
CA ARG A 86 -13.79 10.72 17.68
C ARG A 86 -13.75 10.84 16.15
N VAL A 87 -12.63 10.45 15.54
CA VAL A 87 -12.40 10.47 14.06
C VAL A 87 -12.26 9.05 13.54
N PRO A 88 -12.36 8.84 12.20
CA PRO A 88 -12.08 7.54 11.62
C PRO A 88 -10.60 7.18 11.86
N MET A 89 -10.36 5.91 12.17
CA MET A 89 -9.00 5.33 12.35
C MET A 89 -8.11 5.83 11.21
N GLU A 90 -8.63 5.87 10.00
CA GLU A 90 -7.86 6.28 8.80
C GLU A 90 -7.16 7.61 9.11
N VAL A 91 -7.90 8.58 9.66
CA VAL A 91 -7.36 9.94 9.98
C VAL A 91 -6.27 9.78 11.05
N VAL A 92 -6.50 8.94 12.07
CA VAL A 92 -5.53 8.67 13.17
C VAL A 92 -4.20 8.19 12.57
N LEU A 93 -4.27 7.16 11.72
CA LEU A 93 -3.07 6.52 11.12
C LEU A 93 -2.34 7.55 10.23
N LEU A 94 -3.09 8.27 9.41
CA LEU A 94 -2.49 9.24 8.44
C LEU A 94 -1.78 10.33 9.23
N LYS A 95 -2.37 10.83 10.31
CA LYS A 95 -1.71 11.90 11.13
C LYS A 95 -0.40 11.32 11.65
N LYS A 96 -0.39 10.07 12.10
CA LYS A 96 0.83 9.45 12.69
C LYS A 96 1.93 9.28 11.64
N VAL A 97 1.59 9.02 10.36
CA VAL A 97 2.66 8.75 9.35
C VAL A 97 3.00 10.00 8.57
N SER A 98 2.19 11.05 8.68
CA SER A 98 2.29 12.26 7.81
C SER A 98 3.36 13.23 8.34
N SER A 99 4.00 12.91 9.46
CA SER A 99 5.14 13.68 10.05
C SER A 99 6.36 13.58 9.15
N GLY A 100 6.83 14.70 8.61
CA GLY A 100 8.00 14.76 7.71
C GLY A 100 7.77 14.02 6.41
N PHE A 101 8.84 13.83 5.64
CA PHE A 101 8.84 13.25 4.27
C PHE A 101 8.89 11.72 4.37
N SER A 102 8.26 11.03 3.43
CA SER A 102 8.43 9.55 3.27
C SER A 102 7.74 9.08 1.98
N GLY A 103 7.63 7.76 1.82
CA GLY A 103 6.93 7.10 0.70
C GLY A 103 5.48 6.84 1.05
N VAL A 104 4.88 7.74 1.83
CA VAL A 104 3.43 7.67 2.19
C VAL A 104 2.75 8.97 1.73
N ILE A 105 1.60 8.85 1.07
CA ILE A 105 0.76 10.04 0.70
C ILE A 105 0.37 10.68 2.04
N ARG A 106 0.73 11.96 2.21
CA ARG A 106 0.49 12.78 3.43
C ARG A 106 -0.92 13.38 3.44
N LEU A 107 -1.53 13.37 4.61
CA LEU A 107 -2.79 14.07 4.91
C LEU A 107 -2.47 15.53 5.21
N LEU A 108 -2.98 16.44 4.39
CA LEU A 108 -2.66 17.90 4.46
C LEU A 108 -3.69 18.59 5.35
N ASP A 109 -4.91 18.08 5.37
CA ASP A 109 -6.03 18.67 6.13
C ASP A 109 -7.12 17.62 6.19
N TRP A 110 -8.13 17.81 7.04
CA TRP A 110 -9.39 17.02 7.00
C TRP A 110 -10.53 17.86 7.60
N PHE A 111 -11.77 17.44 7.34
CA PHE A 111 -13.00 18.16 7.76
C PHE A 111 -14.05 17.15 8.15
N GLU A 112 -14.81 17.47 9.20
CA GLU A 112 -16.02 16.72 9.57
C GLU A 112 -17.22 17.39 8.89
N ARG A 113 -18.23 16.61 8.57
CA ARG A 113 -19.50 17.10 7.96
C ARG A 113 -20.62 16.32 8.64
N PRO A 114 -21.86 16.81 8.55
CA PRO A 114 -22.98 16.06 9.08
C PRO A 114 -22.80 14.55 8.87
N ASP A 115 -22.73 14.07 7.63
CA ASP A 115 -22.86 12.60 7.33
C ASP A 115 -21.53 11.99 6.86
N SER A 116 -20.45 12.79 6.78
CA SER A 116 -19.15 12.33 6.24
C SER A 116 -17.94 13.08 6.82
N PHE A 117 -16.74 12.53 6.58
CA PHE A 117 -15.43 13.23 6.69
C PHE A 117 -14.84 13.39 5.31
N VAL A 118 -13.97 14.37 5.17
CA VAL A 118 -13.27 14.74 3.91
C VAL A 118 -11.80 14.87 4.24
N LEU A 119 -10.95 14.08 3.58
CA LEU A 119 -9.48 14.08 3.79
C LEU A 119 -8.90 14.82 2.60
N ILE A 120 -8.00 15.77 2.84
CA ILE A 120 -7.20 16.41 1.80
C ILE A 120 -5.82 15.73 1.83
N LEU A 121 -5.40 15.12 0.71
CA LEU A 121 -4.14 14.36 0.59
C LEU A 121 -3.29 14.95 -0.53
N GLU A 122 -1.97 14.73 -0.49
CA GLU A 122 -1.10 15.13 -1.62
C GLU A 122 -1.50 14.30 -2.86
N ARG A 123 -1.34 14.92 -4.02
CA ARG A 123 -1.53 14.27 -5.34
C ARG A 123 -0.32 14.56 -6.20
N PRO A 124 0.57 13.57 -6.40
CA PRO A 124 1.62 13.70 -7.40
C PRO A 124 0.98 13.87 -8.79
N GLU A 125 1.59 14.72 -9.61
CA GLU A 125 1.34 14.82 -11.08
C GLU A 125 2.72 14.88 -11.76
N PRO A 126 3.01 14.00 -12.75
CA PRO A 126 2.09 12.95 -13.18
C PRO A 126 2.24 11.70 -12.30
N VAL A 127 1.14 10.96 -12.15
CA VAL A 127 1.04 9.75 -11.28
C VAL A 127 0.40 8.59 -12.07
N GLN A 128 0.77 7.36 -11.74
CA GLN A 128 0.04 6.13 -12.11
C GLN A 128 0.13 5.14 -10.95
N ASP A 129 -0.92 4.38 -10.70
CA ASP A 129 -0.90 3.32 -9.66
C ASP A 129 -0.15 2.11 -10.23
N LEU A 130 0.55 1.40 -9.35
CA LEU A 130 1.40 0.26 -9.71
C LEU A 130 0.56 -0.83 -10.36
N PHE A 131 -0.71 -0.94 -10.00
CA PHE A 131 -1.62 -1.95 -10.61
C PHE A 131 -1.80 -1.63 -12.12
N ASP A 132 -2.17 -0.41 -12.49
CA ASP A 132 -2.29 -0.05 -13.93
C ASP A 132 -0.91 -0.13 -14.60
N PHE A 133 0.14 0.24 -13.89
CA PHE A 133 1.50 0.31 -14.47
C PHE A 133 1.91 -1.10 -14.88
N ILE A 134 1.61 -2.10 -14.04
CA ILE A 134 2.00 -3.51 -14.31
C ILE A 134 1.12 -4.09 -15.43
N THR A 135 -0.17 -3.77 -15.41
CA THR A 135 -1.10 -4.15 -16.50
C THR A 135 -0.53 -3.68 -17.84
N GLU A 136 -0.21 -2.40 -17.95
CA GLU A 136 0.37 -1.77 -19.17
C GLU A 136 1.70 -2.40 -19.55
N ARG A 137 2.63 -2.60 -18.63
CA ARG A 137 4.01 -2.93 -19.04
C ARG A 137 4.29 -4.42 -18.97
N GLY A 138 3.42 -5.18 -18.32
CA GLY A 138 3.66 -6.58 -17.93
C GLY A 138 4.68 -6.69 -16.80
N ALA A 139 5.14 -7.91 -16.58
CA ALA A 139 6.20 -8.24 -15.62
C ALA A 139 7.33 -7.20 -15.72
N LEU A 140 7.73 -6.62 -14.60
CA LEU A 140 8.84 -5.63 -14.55
C LEU A 140 10.18 -6.34 -14.60
N GLN A 141 11.13 -5.71 -15.27
CA GLN A 141 12.57 -6.06 -15.10
C GLN A 141 12.93 -6.04 -13.61
N GLU A 142 13.80 -6.96 -13.21
CA GLU A 142 14.24 -7.15 -11.81
C GLU A 142 14.82 -5.84 -11.28
N GLU A 143 15.56 -5.11 -12.09
CA GLU A 143 16.19 -3.86 -11.63
C GLU A 143 15.07 -2.90 -11.19
N LEU A 144 13.98 -2.85 -11.94
CA LEU A 144 12.87 -1.90 -11.64
C LEU A 144 12.11 -2.41 -10.42
N ALA A 145 11.85 -3.71 -10.39
CA ALA A 145 11.12 -4.38 -9.30
C ALA A 145 11.90 -4.16 -8.01
N ARG A 146 13.23 -4.15 -8.11
CA ARG A 146 14.13 -4.02 -6.94
C ARG A 146 13.96 -2.62 -6.38
N SER A 147 13.90 -1.61 -7.23
CA SER A 147 13.81 -0.20 -6.79
C SER A 147 12.42 0.00 -6.18
N PHE A 148 11.39 -0.47 -6.87
CA PHE A 148 9.98 -0.30 -6.42
C PHE A 148 9.81 -1.01 -5.07
N PHE A 149 10.25 -2.27 -4.97
CA PHE A 149 10.06 -3.12 -3.78
C PHE A 149 10.81 -2.49 -2.60
N TRP A 150 12.04 -2.06 -2.85
CA TRP A 150 12.84 -1.34 -1.82
C TRP A 150 12.08 -0.12 -1.29
N GLN A 151 11.54 0.71 -2.17
CA GLN A 151 10.85 1.93 -1.71
C GLN A 151 9.60 1.54 -0.91
N VAL A 152 8.93 0.46 -1.30
CA VAL A 152 7.73 -0.01 -0.54
C VAL A 152 8.20 -0.45 0.85
N LEU A 153 9.30 -1.19 0.93
CA LEU A 153 9.85 -1.65 2.23
C LEU A 153 10.16 -0.45 3.13
N GLU A 154 10.76 0.59 2.58
CA GLU A 154 11.08 1.80 3.38
C GLU A 154 9.79 2.46 3.84
N ALA A 155 8.75 2.52 3.00
CA ALA A 155 7.48 3.17 3.39
C ALA A 155 6.78 2.34 4.49
N VAL A 156 6.83 1.01 4.40
CA VAL A 156 6.18 0.14 5.42
C VAL A 156 6.94 0.27 6.73
N ARG A 157 8.26 0.24 6.69
CA ARG A 157 9.11 0.45 7.90
C ARG A 157 8.75 1.80 8.54
N HIS A 158 8.60 2.82 7.72
CA HIS A 158 8.19 4.17 8.18
C HIS A 158 6.90 4.01 8.96
N CYS A 159 5.91 3.36 8.36
CA CYS A 159 4.60 3.14 9.02
C CYS A 159 4.84 2.43 10.35
N HIS A 160 5.61 1.33 10.37
CA HIS A 160 5.79 0.51 11.60
C HIS A 160 6.49 1.38 12.66
N ASN A 161 7.47 2.18 12.27
CA ASN A 161 8.23 3.06 13.20
C ASN A 161 7.26 4.06 13.83
N CYS A 162 6.16 4.40 13.16
CA CYS A 162 5.18 5.38 13.67
C CYS A 162 4.00 4.67 14.34
N GLY A 163 4.07 3.36 14.58
CA GLY A 163 2.98 2.65 15.28
C GLY A 163 1.76 2.39 14.40
N VAL A 164 1.93 2.31 13.07
CA VAL A 164 0.81 2.10 12.12
C VAL A 164 1.03 0.82 11.32
N LEU A 165 0.00 -0.02 11.25
CA LEU A 165 -0.01 -1.23 10.39
C LEU A 165 -0.94 -0.96 9.21
N HIS A 166 -0.47 -1.09 7.97
CA HIS A 166 -1.32 -0.72 6.81
C HIS A 166 -2.44 -1.76 6.58
N ARG A 167 -2.09 -3.05 6.59
CA ARG A 167 -3.00 -4.21 6.41
C ARG A 167 -3.65 -4.30 5.00
N ASP A 168 -3.20 -3.53 4.03
CA ASP A 168 -3.71 -3.68 2.65
C ASP A 168 -2.62 -3.27 1.65
N ILE A 169 -1.41 -3.75 1.88
CA ILE A 169 -0.32 -3.53 0.91
C ILE A 169 -0.69 -4.32 -0.35
N LYS A 170 -0.76 -3.64 -1.47
CA LYS A 170 -0.91 -4.29 -2.81
C LYS A 170 -0.64 -3.23 -3.86
N ASP A 171 -0.52 -3.63 -5.12
CA ASP A 171 -0.14 -2.74 -6.24
C ASP A 171 -1.14 -1.59 -6.36
N GLU A 172 -2.41 -1.83 -6.12
CA GLU A 172 -3.47 -0.81 -6.25
C GLU A 172 -3.29 0.31 -5.22
N ASN A 173 -2.67 0.00 -4.08
CA ASN A 173 -2.51 0.97 -2.96
C ASN A 173 -1.11 1.57 -3.01
N ILE A 174 -0.48 1.56 -4.19
CA ILE A 174 0.86 2.16 -4.41
C ILE A 174 0.80 3.09 -5.63
N LEU A 175 1.10 4.38 -5.43
CA LEU A 175 1.18 5.37 -6.54
C LEU A 175 2.63 5.51 -6.94
N ILE A 176 2.87 5.62 -8.24
CA ILE A 176 4.20 5.96 -8.83
C ILE A 176 4.17 7.42 -9.27
N ASP A 177 5.02 8.25 -8.68
CA ASP A 177 5.38 9.59 -9.23
C ASP A 177 6.39 9.35 -10.36
N LEU A 178 5.90 9.44 -11.60
CA LEU A 178 6.62 9.06 -12.83
C LEU A 178 7.83 9.98 -13.06
N ASN A 179 7.77 11.25 -12.65
CA ASN A 179 8.90 12.19 -12.87
C ASN A 179 10.01 11.93 -11.83
N ARG A 180 9.65 11.77 -10.56
CA ARG A 180 10.61 11.63 -9.42
C ARG A 180 11.04 10.17 -9.23
N GLY A 181 10.29 9.20 -9.78
CA GLY A 181 10.57 7.76 -9.57
C GLY A 181 10.33 7.36 -8.11
N GLU A 182 9.38 8.01 -7.46
CA GLU A 182 9.07 7.86 -6.03
C GLU A 182 7.75 7.10 -5.91
N LEU A 183 7.70 6.01 -5.12
CA LEU A 183 6.44 5.30 -4.82
C LEU A 183 5.83 5.88 -3.55
N LYS A 184 4.50 5.93 -3.48
CA LYS A 184 3.75 6.45 -2.32
C LYS A 184 2.64 5.47 -1.99
N LEU A 185 2.57 5.10 -0.72
CA LEU A 185 1.54 4.22 -0.16
C LEU A 185 0.25 5.03 0.05
N ILE A 186 -0.90 4.46 -0.31
CA ILE A 186 -2.24 5.06 -0.06
C ILE A 186 -3.19 4.07 0.62
N ASP A 187 -4.32 4.64 1.03
CA ASP A 187 -5.53 3.98 1.56
C ASP A 187 -5.19 3.21 2.84
N PHE A 188 -5.17 3.91 3.97
CA PHE A 188 -4.99 3.34 5.32
C PHE A 188 -6.34 2.97 5.94
N GLY A 189 -7.38 2.88 5.12
CA GLY A 189 -8.75 2.66 5.62
C GLY A 189 -8.96 1.29 6.25
N SER A 190 -8.07 0.33 6.05
CA SER A 190 -8.18 -1.03 6.64
C SER A 190 -7.06 -1.22 7.66
N GLY A 191 -6.34 -0.15 8.02
CA GLY A 191 -5.17 -0.22 8.89
C GLY A 191 -5.53 -0.35 10.36
N ALA A 192 -4.54 -0.30 11.23
CA ALA A 192 -4.71 -0.43 12.69
C ALA A 192 -3.47 0.13 13.35
N LEU A 193 -3.57 0.45 14.63
CA LEU A 193 -2.35 0.74 15.42
C LEU A 193 -1.51 -0.54 15.39
N LEU A 194 -0.21 -0.43 15.25
CA LEU A 194 0.66 -1.63 15.29
C LEU A 194 0.66 -2.16 16.74
N LYS A 195 0.46 -3.44 16.95
CA LYS A 195 0.69 -4.08 18.27
C LYS A 195 1.46 -5.39 18.05
N ASP A 196 2.03 -5.92 19.13
CA ASP A 196 2.80 -7.19 19.09
C ASP A 196 1.89 -8.38 19.42
N THR A 197 0.64 -8.13 19.73
CA THR A 197 -0.33 -9.20 20.09
C THR A 197 -1.15 -9.54 18.86
N VAL A 198 -1.99 -10.55 18.97
CA VAL A 198 -2.64 -11.21 17.81
C VAL A 198 -3.74 -10.30 17.28
N TYR A 199 -3.93 -10.29 15.96
CA TYR A 199 -5.06 -9.62 15.29
C TYR A 199 -6.08 -10.71 14.91
N THR A 200 -7.35 -10.45 15.21
CA THR A 200 -8.48 -11.38 14.96
C THR A 200 -9.50 -10.76 14.00
N ASP A 201 -9.32 -9.49 13.61
CA ASP A 201 -10.12 -8.80 12.54
C ASP A 201 -9.16 -8.55 11.37
N PHE A 202 -9.72 -8.49 10.16
CA PHE A 202 -9.00 -8.14 8.89
C PHE A 202 -10.00 -7.65 7.84
N ASP A 203 -9.76 -6.48 7.25
CA ASP A 203 -10.66 -5.82 6.27
C ASP A 203 -9.96 -5.59 4.92
N GLY A 204 -8.76 -6.12 4.72
CA GLY A 204 -7.89 -5.85 3.56
C GLY A 204 -8.24 -6.73 2.38
N THR A 205 -7.31 -6.99 1.47
CA THR A 205 -7.54 -7.76 0.22
C THR A 205 -7.22 -9.21 0.51
N ARG A 206 -8.19 -10.11 0.28
CA ARG A 206 -8.08 -11.53 0.70
C ARG A 206 -6.89 -12.20 0.00
N VAL A 207 -6.69 -11.90 -1.27
CA VAL A 207 -5.65 -12.58 -2.09
C VAL A 207 -4.24 -12.12 -1.69
N TYR A 208 -4.12 -11.10 -0.81
CA TYR A 208 -2.81 -10.68 -0.21
C TYR A 208 -2.74 -11.08 1.28
N SER A 209 -3.80 -11.67 1.83
CA SER A 209 -3.89 -12.13 3.24
C SER A 209 -3.13 -13.43 3.39
N PRO A 210 -2.54 -13.66 4.58
CA PRO A 210 -1.65 -14.80 4.76
C PRO A 210 -2.43 -16.06 5.13
N PRO A 211 -1.84 -17.25 4.95
CA PRO A 211 -2.53 -18.50 5.21
C PRO A 211 -3.15 -18.59 6.61
N GLU A 212 -2.44 -18.07 7.61
CA GLU A 212 -2.84 -18.16 9.03
C GLU A 212 -4.14 -17.36 9.21
N TRP A 213 -4.45 -16.43 8.33
CA TRP A 213 -5.74 -15.67 8.37
C TRP A 213 -6.84 -16.50 7.72
N ILE A 214 -6.56 -17.07 6.55
CA ILE A 214 -7.49 -18.00 5.85
C ILE A 214 -7.89 -19.10 6.84
N ARG A 215 -6.94 -19.84 7.41
CA ARG A 215 -7.17 -21.08 8.22
C ARG A 215 -7.68 -20.78 9.63
N TYR A 216 -7.14 -19.80 10.36
CA TYR A 216 -7.43 -19.63 11.80
C TYR A 216 -8.01 -18.26 12.18
N HIS A 217 -8.25 -17.34 11.23
CA HIS A 217 -8.77 -15.98 11.52
C HIS A 217 -7.88 -15.29 12.57
N ARG A 218 -6.57 -15.55 12.55
CA ARG A 218 -5.55 -14.89 13.42
C ARG A 218 -4.27 -14.57 12.64
N TYR A 219 -3.60 -13.49 12.99
CA TYR A 219 -2.27 -13.12 12.42
C TYR A 219 -1.60 -12.10 13.34
N HIS A 220 -0.28 -12.03 13.27
CA HIS A 220 0.52 -10.91 13.82
C HIS A 220 0.84 -9.93 12.69
N GLY A 221 1.04 -8.66 13.01
CA GLY A 221 1.09 -7.57 12.02
C GLY A 221 2.26 -7.71 11.05
N ARG A 222 3.46 -7.79 11.58
CA ARG A 222 4.70 -7.74 10.82
C ARG A 222 4.75 -8.92 9.86
N SER A 223 4.40 -10.10 10.37
CA SER A 223 4.57 -11.36 9.62
C SER A 223 3.48 -11.40 8.53
N ALA A 224 2.28 -10.88 8.81
CA ALA A 224 1.23 -10.74 7.78
C ALA A 224 1.70 -9.75 6.69
N ALA A 225 2.34 -8.65 7.11
CA ALA A 225 2.83 -7.61 6.19
C ALA A 225 3.86 -8.21 5.24
N VAL A 226 4.77 -9.00 5.79
CA VAL A 226 5.84 -9.65 4.98
C VAL A 226 5.21 -10.61 3.98
N TRP A 227 4.12 -11.30 4.35
CA TRP A 227 3.40 -12.20 3.40
C TRP A 227 2.91 -11.37 2.21
N SER A 228 2.18 -10.28 2.49
CA SER A 228 1.59 -9.40 1.45
C SER A 228 2.71 -8.84 0.56
N LEU A 229 3.89 -8.60 1.13
CA LEU A 229 5.02 -8.03 0.37
C LEU A 229 5.56 -9.11 -0.56
N GLY A 230 5.56 -10.37 -0.12
CA GLY A 230 5.87 -11.53 -0.97
C GLY A 230 4.92 -11.61 -2.16
N ILE A 231 3.62 -11.38 -1.94
CA ILE A 231 2.60 -11.39 -3.02
C ILE A 231 2.98 -10.27 -4.00
N LEU A 232 3.28 -9.09 -3.45
CA LEU A 232 3.57 -7.87 -4.25
C LEU A 232 4.81 -8.10 -5.10
N LEU A 233 5.85 -8.70 -4.55
CA LEU A 233 7.12 -8.91 -5.29
C LEU A 233 6.85 -9.89 -6.45
N TYR A 234 6.07 -10.94 -6.21
CA TYR A 234 5.68 -11.95 -7.23
C TYR A 234 4.91 -11.19 -8.32
N ASP A 235 3.93 -10.40 -7.90
CA ASP A 235 3.12 -9.56 -8.82
C ASP A 235 4.04 -8.76 -9.73
N MET A 236 5.08 -8.13 -9.18
CA MET A 236 5.97 -7.22 -9.93
C MET A 236 6.77 -8.06 -10.95
N VAL A 237 7.32 -9.19 -10.56
CA VAL A 237 8.31 -9.88 -11.45
C VAL A 237 7.58 -10.85 -12.37
N CYS A 238 6.33 -11.18 -12.07
CA CYS A 238 5.57 -12.20 -12.83
C CYS A 238 4.40 -11.59 -13.61
N GLY A 239 4.03 -10.35 -13.30
CA GLY A 239 2.98 -9.61 -14.02
C GLY A 239 1.60 -9.84 -13.45
N ASP A 240 1.44 -10.74 -12.49
CA ASP A 240 0.17 -10.88 -11.70
C ASP A 240 0.44 -11.59 -10.38
N ILE A 241 -0.53 -11.59 -9.46
CA ILE A 241 -0.39 -12.24 -8.12
C ILE A 241 -0.37 -13.75 -8.31
N PRO A 242 0.26 -14.51 -7.40
CA PRO A 242 0.35 -15.95 -7.58
C PRO A 242 -0.96 -16.71 -7.24
N PHE A 243 -1.80 -16.19 -6.33
CA PHE A 243 -2.93 -16.92 -5.71
C PHE A 243 -4.23 -16.17 -5.90
N GLU A 244 -5.29 -16.90 -6.24
CA GLU A 244 -6.66 -16.39 -6.40
C GLU A 244 -7.55 -17.06 -5.36
N HIS A 245 -7.41 -18.35 -5.10
CA HIS A 245 -8.32 -19.12 -4.20
C HIS A 245 -7.64 -19.44 -2.88
N ASP A 246 -8.47 -19.67 -1.86
CA ASP A 246 -8.03 -20.05 -0.49
C ASP A 246 -7.10 -21.25 -0.59
N GLU A 247 -7.48 -22.27 -1.35
CA GLU A 247 -6.73 -23.54 -1.48
C GLU A 247 -5.28 -23.21 -1.88
N GLU A 248 -5.07 -22.26 -2.80
CA GLU A 248 -3.71 -21.86 -3.30
C GLU A 248 -2.93 -21.12 -2.18
N ILE A 249 -3.59 -20.21 -1.45
CA ILE A 249 -2.98 -19.41 -0.35
C ILE A 249 -2.37 -20.36 0.70
N ILE A 250 -3.13 -21.37 1.14
CA ILE A 250 -2.75 -22.28 2.27
C ILE A 250 -1.87 -23.42 1.74
N GLY A 251 -1.88 -23.65 0.43
CA GLY A 251 -1.01 -24.64 -0.23
C GLY A 251 0.45 -24.20 -0.21
N GLY A 252 0.72 -22.87 -0.22
CA GLY A 252 2.08 -22.29 -0.29
C GLY A 252 2.95 -23.08 -1.26
N GLN A 253 2.40 -23.36 -2.44
CA GLN A 253 3.13 -23.84 -3.63
C GLN A 253 3.21 -22.63 -4.56
N VAL A 254 4.42 -22.19 -4.88
CA VAL A 254 4.67 -20.97 -5.67
C VAL A 254 5.25 -21.43 -6.99
N PHE A 255 4.47 -21.25 -8.05
CA PHE A 255 4.89 -21.54 -9.44
C PHE A 255 5.25 -20.20 -10.08
N PHE A 256 6.44 -20.09 -10.68
CA PHE A 256 6.88 -18.88 -11.41
C PHE A 256 6.49 -19.01 -12.88
N ARG A 257 5.63 -18.11 -13.34
CA ARG A 257 5.04 -18.13 -14.70
C ARG A 257 5.90 -17.28 -15.65
N GLN A 258 6.95 -16.64 -15.12
CA GLN A 258 7.94 -15.85 -15.88
C GLN A 258 9.36 -16.18 -15.44
N ARG A 259 10.40 -15.92 -16.27
CA ARG A 259 11.83 -16.06 -15.91
C ARG A 259 12.07 -15.11 -14.73
N VAL A 260 12.50 -15.68 -13.61
CA VAL A 260 12.86 -14.95 -12.37
C VAL A 260 14.17 -15.54 -11.84
N SER A 261 15.14 -14.68 -11.52
CA SER A 261 16.46 -15.10 -11.02
C SER A 261 16.21 -16.00 -9.80
N SER A 262 17.14 -16.90 -9.51
CA SER A 262 17.14 -17.79 -8.32
C SER A 262 17.10 -16.97 -7.02
N GLU A 263 17.79 -15.84 -6.98
CA GLU A 263 17.88 -15.03 -5.74
C GLU A 263 16.51 -14.42 -5.46
N CYS A 264 15.86 -13.87 -6.48
CA CYS A 264 14.52 -13.29 -6.36
C CYS A 264 13.49 -14.37 -6.01
N GLN A 265 13.61 -15.56 -6.60
CA GLN A 265 12.70 -16.68 -6.28
C GLN A 265 12.88 -17.02 -4.80
N HIS A 266 14.13 -17.05 -4.35
CA HIS A 266 14.44 -17.35 -2.93
C HIS A 266 13.75 -16.31 -2.00
N LEU A 267 13.95 -15.01 -2.23
CA LEU A 267 13.33 -13.97 -1.35
C LEU A 267 11.81 -14.13 -1.34
N ILE A 268 11.20 -14.34 -2.51
CA ILE A 268 9.73 -14.49 -2.64
C ILE A 268 9.25 -15.71 -1.85
N ARG A 269 9.90 -16.85 -2.00
CA ARG A 269 9.49 -18.10 -1.29
C ARG A 269 9.64 -17.92 0.23
N TRP A 270 10.69 -17.22 0.65
CA TRP A 270 10.91 -16.89 2.08
C TRP A 270 9.76 -16.01 2.60
N CYS A 271 9.40 -14.95 1.88
CA CYS A 271 8.30 -14.04 2.31
C CYS A 271 7.02 -14.84 2.38
N LEU A 272 6.91 -15.86 1.53
CA LEU A 272 5.65 -16.63 1.40
C LEU A 272 5.80 -17.97 2.15
N ALA A 273 6.71 -18.06 3.12
CA ALA A 273 6.69 -19.21 4.06
C ALA A 273 5.32 -19.32 4.74
N LEU A 274 4.77 -20.54 4.73
CA LEU A 274 3.47 -20.88 5.35
C LEU A 274 3.50 -20.56 6.85
N ARG A 275 4.57 -20.95 7.56
CA ARG A 275 4.68 -20.66 9.03
C ARG A 275 5.14 -19.22 9.19
N PRO A 276 4.35 -18.36 9.88
CA PRO A 276 4.73 -16.96 10.09
C PRO A 276 6.17 -16.74 10.55
N SER A 277 6.56 -17.52 11.56
CA SER A 277 7.87 -17.39 12.24
C SER A 277 9.00 -17.75 11.27
N ASP A 278 8.72 -18.41 10.14
CA ASP A 278 9.74 -18.75 9.10
C ASP A 278 9.92 -17.59 8.11
N ARG A 279 9.03 -16.59 8.12
CA ARG A 279 9.13 -15.44 7.19
C ARG A 279 10.31 -14.60 7.64
N PRO A 280 10.97 -13.87 6.69
CA PRO A 280 12.04 -12.94 7.05
C PRO A 280 11.46 -11.72 7.78
N THR A 281 12.31 -11.11 8.60
CA THR A 281 12.16 -9.74 9.12
C THR A 281 12.45 -8.75 7.98
N PHE A 282 11.96 -7.52 8.15
CA PHE A 282 12.25 -6.38 7.25
C PHE A 282 13.76 -6.32 7.06
N GLU A 283 14.53 -6.46 8.15
CA GLU A 283 16.01 -6.40 8.09
C GLU A 283 16.52 -7.53 7.19
N GLU A 284 16.04 -8.75 7.38
CA GLU A 284 16.49 -9.89 6.52
C GLU A 284 16.11 -9.68 5.05
N ILE A 285 14.98 -9.02 4.76
CA ILE A 285 14.61 -8.73 3.34
C ILE A 285 15.62 -7.74 2.77
N GLN A 286 15.90 -6.68 3.50
CA GLN A 286 16.71 -5.57 2.92
C GLN A 286 18.19 -5.98 2.89
N ASN A 287 18.60 -6.98 3.69
CA ASN A 287 19.98 -7.53 3.64
C ASN A 287 20.04 -8.69 2.64
N HIS A 288 18.90 -9.14 2.09
CA HIS A 288 18.89 -10.27 1.14
C HIS A 288 19.78 -9.94 -0.05
N PRO A 289 20.53 -10.90 -0.59
CA PRO A 289 21.39 -10.63 -1.75
C PRO A 289 20.65 -10.00 -2.94
N TRP A 290 19.40 -10.41 -3.21
CA TRP A 290 18.65 -9.86 -4.38
C TRP A 290 18.44 -8.36 -4.23
N MET A 291 18.41 -7.86 -2.99
CA MET A 291 18.01 -6.47 -2.69
C MET A 291 19.19 -5.48 -2.76
N GLN A 292 20.40 -5.91 -3.11
CA GLN A 292 21.60 -5.03 -3.05
C GLN A 292 21.68 -4.14 -4.30
N ASP A 293 22.39 -3.02 -4.16
CA ASP A 293 22.73 -2.08 -5.24
C ASP A 293 21.44 -1.52 -5.84
N VAL A 294 20.48 -1.14 -5.00
CA VAL A 294 19.20 -0.58 -5.49
C VAL A 294 19.47 0.72 -6.24
N LEU A 295 18.71 1.00 -7.30
CA LEU A 295 18.74 2.32 -7.97
C LEU A 295 18.18 3.38 -7.00
N LEU A 296 18.65 4.62 -7.12
CA LEU A 296 18.01 5.79 -6.48
C LEU A 296 16.74 6.12 -7.25
N PRO A 297 15.77 6.82 -6.62
CA PRO A 297 14.52 7.15 -7.30
C PRO A 297 14.77 7.84 -8.65
N GLN A 298 15.75 8.75 -8.69
CA GLN A 298 16.03 9.62 -9.87
C GLN A 298 16.53 8.72 -11.01
N GLU A 299 17.54 7.91 -10.74
CA GLU A 299 18.01 6.84 -11.66
C GLU A 299 16.78 6.06 -12.14
N THR A 300 15.87 5.69 -11.24
CA THR A 300 14.76 4.79 -11.60
C THR A 300 13.90 5.51 -12.64
N ALA A 301 13.64 6.80 -12.45
CA ALA A 301 12.83 7.59 -13.40
C ALA A 301 13.56 7.69 -14.74
N GLU A 302 14.86 7.97 -14.73
CA GLU A 302 15.65 8.25 -15.97
C GLU A 302 15.69 6.96 -16.80
N ILE A 303 16.10 5.87 -16.17
CA ILE A 303 16.27 4.57 -16.88
C ILE A 303 14.92 4.00 -17.31
N HIS A 304 13.84 4.07 -16.49
CA HIS A 304 12.67 3.17 -16.64
C HIS A 304 11.34 3.90 -16.84
N LEU A 305 11.21 5.18 -16.51
CA LEU A 305 9.89 5.84 -16.52
C LEU A 305 9.81 6.98 -17.56
N HIS A 306 10.89 7.71 -17.86
CA HIS A 306 10.85 8.99 -18.63
C HIS A 306 10.64 8.73 -20.14
N ARG B 2 -7.13 -17.03 -16.90
CA ARG B 2 -6.71 -15.98 -15.90
C ARG B 2 -6.60 -14.62 -16.60
N LYS B 3 -7.55 -13.74 -16.33
CA LYS B 3 -7.41 -12.28 -16.52
C LYS B 3 -6.85 -11.74 -15.19
N ARG B 4 -5.83 -10.90 -15.26
CA ARG B 4 -5.44 -9.99 -14.15
C ARG B 4 -6.60 -9.05 -13.86
N ARG B 5 -6.89 -8.84 -12.58
CA ARG B 5 -7.98 -7.93 -12.16
C ARG B 5 -7.68 -7.39 -10.76
N ARG B 6 -8.34 -6.28 -10.43
CA ARG B 6 -8.33 -5.64 -9.09
C ARG B 6 -9.11 -6.56 -8.16
N HIS B 7 -8.95 -6.35 -6.86
CA HIS B 7 -9.59 -7.18 -5.80
C HIS B 7 -10.03 -6.25 -4.67
N PRO B 8 -11.32 -6.26 -4.30
CA PRO B 8 -11.83 -5.31 -3.30
C PRO B 8 -11.34 -5.57 -1.86
N SER B 9 -11.28 -4.53 -1.03
CA SER B 9 -11.00 -4.58 0.43
C SER B 9 -12.31 -4.39 1.20
#